data_5LTO
#
_entry.id   5LTO
#
_cell.length_a   111.427
_cell.length_b   111.427
_cell.length_c   117.715
_cell.angle_alpha   90.000
_cell.angle_beta   90.000
_cell.angle_gamma   120.000
#
_symmetry.space_group_name_H-M   'P 32 2 1'
#
loop_
_entity.id
_entity.type
_entity.pdbx_description
1 polymer 'Methyl-accepting chemotaxis protein PctB'
2 non-polymer GLUTAMINE
3 non-polymer 'SULFATE ION'
4 non-polymer GLYCEROL
5 water water
#
_entity_poly.entity_id   1
_entity_poly.type   'polypeptide(L)'
_entity_poly.pdbx_seq_one_letter_code
;MGSSHHHHHHSSGLVPRGSHMNDSLQRASIREDLEDYLHEMGEITASNVQNWLSGRILLIENLAQTLARDHSPETTQALL
EQPLLGSTFLFTYLGQTDGTYTARPTSDLPADYDPRRRPWYNAATSAGQTTLTEPYMEPAIHELVLTIASPARQGGQPFG
VVGGDLSLQTVVKIINSLDFGGMGYAFLVSGDGKILVHPDKDQVMKSLSDVYPRNTPKIGSGFSEAELHGNTRILSFSPV
KGLSGLDWYIGISVDKDKAYAMLTKLRTSDPNSSSVDKLAAALEHHHHHH
;
_entity_poly.pdbx_strand_id   A,B
#
loop_
_chem_comp.id
_chem_comp.type
_chem_comp.name
_chem_comp.formula
GOL non-polymer GLYCEROL 'C3 H8 O3'
SO4 non-polymer 'SULFATE ION' 'O4 S -2'
#
# COMPACT_ATOMS: atom_id res chain seq x y z
N ALA A 28 40.27 22.13 -18.60
CA ALA A 28 39.15 21.51 -19.29
C ALA A 28 38.17 20.90 -18.28
N SER A 29 37.39 21.77 -17.62
CA SER A 29 36.40 21.32 -16.65
C SER A 29 35.14 20.87 -17.38
N ILE A 30 35.30 19.82 -18.19
CA ILE A 30 34.20 19.22 -18.93
C ILE A 30 33.59 18.05 -18.14
N ARG A 31 33.76 18.05 -16.82
CA ARG A 31 33.09 17.02 -16.05
C ARG A 31 31.58 17.17 -16.22
N GLU A 32 30.93 16.16 -16.81
CA GLU A 32 29.48 16.18 -17.02
C GLU A 32 28.88 15.13 -16.08
N ASP A 33 28.65 15.53 -14.84
CA ASP A 33 27.85 14.71 -13.94
C ASP A 33 26.39 14.72 -14.36
N LEU A 34 25.97 15.77 -15.07
CA LEU A 34 24.66 15.86 -15.70
C LEU A 34 24.24 14.51 -16.27
N GLU A 35 25.20 13.81 -16.85
CA GLU A 35 24.97 12.46 -17.34
C GLU A 35 24.59 11.51 -16.21
N ASP A 36 25.26 11.63 -15.06
CA ASP A 36 24.88 10.80 -13.91
C ASP A 36 23.54 11.26 -13.32
N TYR A 37 23.29 12.57 -13.34
CA TYR A 37 22.04 13.09 -12.78
C TYR A 37 20.84 12.61 -13.58
N LEU A 38 20.93 12.63 -14.91
CA LEU A 38 19.79 12.28 -15.74
C LEU A 38 19.45 10.80 -15.63
N HIS A 39 20.47 9.93 -15.57
N HIS A 39 20.47 9.93 -15.62
CA HIS A 39 20.26 8.50 -15.53
CA HIS A 39 20.19 8.50 -15.51
C HIS A 39 19.89 8.00 -14.13
C HIS A 39 19.59 8.17 -14.16
N GLU A 40 20.07 8.81 -13.09
CA GLU A 40 19.57 8.48 -11.76
C GLU A 40 18.16 9.01 -11.55
N MET A 41 17.91 10.27 -11.89
CA MET A 41 16.55 10.79 -11.88
C MET A 41 15.62 9.96 -12.77
N GLY A 42 16.16 9.43 -13.87
CA GLY A 42 15.35 8.60 -14.74
C GLY A 42 14.97 7.27 -14.10
N GLU A 43 15.89 6.68 -13.35
N GLU A 43 15.89 6.68 -13.35
CA GLU A 43 15.62 5.41 -12.69
CA GLU A 43 15.61 5.40 -12.70
C GLU A 43 14.79 5.59 -11.42
C GLU A 43 14.79 5.59 -11.42
N ILE A 44 15.02 6.67 -10.68
CA ILE A 44 14.22 6.93 -9.49
C ILE A 44 12.78 7.26 -9.89
N THR A 45 12.61 8.02 -10.97
CA THR A 45 11.27 8.29 -11.47
C THR A 45 10.62 7.02 -12.00
N ALA A 46 11.38 6.20 -12.72
CA ALA A 46 10.86 4.93 -13.21
C ALA A 46 10.44 4.02 -12.05
N SER A 47 11.21 4.06 -10.95
CA SER A 47 10.84 3.27 -9.78
C SER A 47 9.58 3.81 -9.11
N ASN A 48 9.38 5.13 -9.13
CA ASN A 48 8.17 5.70 -8.54
C ASN A 48 6.94 5.26 -9.32
N VAL A 49 7.00 5.33 -10.64
CA VAL A 49 5.92 4.81 -11.47
C VAL A 49 5.78 3.30 -11.29
N GLN A 50 6.93 2.61 -11.18
CA GLN A 50 6.91 1.18 -10.93
C GLN A 50 6.21 0.86 -9.62
N ASN A 51 6.50 1.63 -8.56
CA ASN A 51 5.85 1.40 -7.28
C ASN A 51 4.41 1.91 -7.28
N TRP A 52 4.10 2.92 -8.10
CA TRP A 52 2.75 3.47 -8.12
C TRP A 52 1.77 2.46 -8.70
N LEU A 53 2.15 1.78 -9.77
CA LEU A 53 1.29 0.78 -10.40
C LEU A 53 1.19 -0.51 -9.60
N SER A 54 2.04 -0.69 -8.58
CA SER A 54 2.04 -1.90 -7.76
C SER A 54 0.66 -2.20 -7.19
N GLY A 55 0.15 -1.31 -6.33
CA GLY A 55 -1.13 -1.55 -5.70
C GLY A 55 -2.29 -1.53 -6.67
N ARG A 56 -2.19 -0.71 -7.72
CA ARG A 56 -3.31 -0.59 -8.65
C ARG A 56 -3.42 -1.80 -9.57
N ILE A 57 -2.28 -2.35 -9.99
CA ILE A 57 -2.32 -3.65 -10.67
C ILE A 57 -2.80 -4.72 -9.69
N LEU A 58 -2.42 -4.60 -8.42
CA LEU A 58 -2.84 -5.57 -7.42
C LEU A 58 -4.36 -5.56 -7.25
N LEU A 59 -4.98 -4.38 -7.36
CA LEU A 59 -6.43 -4.31 -7.23
C LEU A 59 -7.14 -4.97 -8.40
N ILE A 60 -6.59 -4.80 -9.60
CA ILE A 60 -7.20 -5.40 -10.79
C ILE A 60 -7.04 -6.92 -10.75
N GLU A 61 -5.88 -7.40 -10.31
CA GLU A 61 -5.66 -8.85 -10.23
C GLU A 61 -6.59 -9.48 -9.21
N ASN A 62 -6.65 -8.93 -8.01
CA ASN A 62 -7.53 -9.46 -6.97
C ASN A 62 -8.98 -9.47 -7.44
N LEU A 63 -9.37 -8.47 -8.22
CA LEU A 63 -10.73 -8.45 -8.77
C LEU A 63 -10.90 -9.52 -9.83
N ALA A 64 -9.91 -9.69 -10.71
CA ALA A 64 -9.99 -10.71 -11.74
C ALA A 64 -9.98 -12.11 -11.14
N GLN A 65 -9.23 -12.31 -10.06
CA GLN A 65 -9.20 -13.62 -9.41
C GLN A 65 -10.50 -13.89 -8.66
N THR A 66 -11.16 -12.84 -8.16
CA THR A 66 -12.41 -13.03 -7.41
C THR A 66 -13.58 -13.27 -8.34
N LEU A 67 -13.61 -12.60 -9.49
CA LEU A 67 -14.65 -12.86 -10.48
C LEU A 67 -14.52 -14.23 -11.12
N ALA A 68 -13.38 -14.90 -10.95
CA ALA A 68 -13.22 -16.23 -11.51
C ALA A 68 -14.12 -17.24 -10.82
N ARG A 69 -14.16 -17.21 -9.48
CA ARG A 69 -14.98 -18.15 -8.73
C ARG A 69 -16.45 -17.79 -8.74
N ASP A 70 -16.80 -16.53 -8.97
CA ASP A 70 -18.19 -16.12 -9.08
C ASP A 70 -18.25 -14.86 -9.93
N HIS A 71 -18.89 -14.96 -11.09
CA HIS A 71 -19.08 -13.82 -11.99
C HIS A 71 -20.56 -13.62 -12.32
N SER A 72 -21.44 -14.02 -11.40
CA SER A 72 -22.86 -13.80 -11.58
C SER A 72 -23.17 -12.30 -11.56
N PRO A 73 -24.24 -11.87 -12.24
CA PRO A 73 -24.50 -10.42 -12.33
C PRO A 73 -24.71 -9.75 -10.99
N GLU A 74 -25.32 -10.44 -10.02
CA GLU A 74 -25.49 -9.85 -8.69
C GLU A 74 -24.16 -9.76 -7.97
N THR A 75 -23.29 -10.76 -8.14
CA THR A 75 -21.97 -10.72 -7.52
C THR A 75 -21.03 -9.79 -8.29
N THR A 76 -21.13 -9.78 -9.62
CA THR A 76 -20.32 -8.87 -10.41
C THR A 76 -20.65 -7.42 -10.10
N GLN A 77 -21.94 -7.12 -9.90
CA GLN A 77 -22.35 -5.76 -9.57
C GLN A 77 -21.70 -5.29 -8.27
N ALA A 78 -21.93 -6.02 -7.18
CA ALA A 78 -21.44 -5.59 -5.88
C ALA A 78 -19.92 -5.66 -5.78
N LEU A 79 -19.26 -6.47 -6.60
CA LEU A 79 -17.80 -6.52 -6.57
C LEU A 79 -17.18 -5.26 -7.17
N LEU A 80 -17.85 -4.64 -8.13
CA LEU A 80 -17.35 -3.43 -8.77
C LEU A 80 -17.73 -2.16 -8.03
N GLU A 81 -18.43 -2.27 -6.90
CA GLU A 81 -18.90 -1.11 -6.16
C GLU A 81 -18.14 -0.90 -4.86
N GLN A 82 -17.04 -1.60 -4.65
CA GLN A 82 -16.28 -1.43 -3.41
C GLN A 82 -15.52 -0.10 -3.45
N PRO A 83 -15.50 0.64 -2.33
CA PRO A 83 -14.93 2.00 -2.36
C PRO A 83 -13.45 2.03 -2.69
N LEU A 84 -12.70 0.97 -2.36
CA LEU A 84 -11.27 0.97 -2.67
C LEU A 84 -11.01 0.99 -4.16
N LEU A 85 -11.98 0.54 -4.98
CA LEU A 85 -11.85 0.69 -6.43
C LEU A 85 -12.38 2.03 -6.90
N GLY A 86 -13.30 2.63 -6.14
CA GLY A 86 -13.84 3.92 -6.52
C GLY A 86 -12.83 5.04 -6.39
N SER A 87 -12.10 5.08 -5.27
CA SER A 87 -11.06 6.07 -5.05
C SER A 87 -9.80 5.77 -5.85
N THR A 88 -9.74 4.66 -6.56
CA THR A 88 -8.56 4.25 -7.31
C THR A 88 -8.67 4.58 -8.79
N PHE A 89 -9.66 4.02 -9.46
CA PHE A 89 -9.83 4.14 -10.90
C PHE A 89 -11.03 5.03 -11.22
N LEU A 90 -11.00 5.59 -12.42
CA LEU A 90 -12.17 6.34 -12.91
C LEU A 90 -13.33 5.40 -13.18
N PHE A 91 -13.05 4.26 -13.82
CA PHE A 91 -14.05 3.24 -14.08
C PHE A 91 -13.44 1.87 -13.85
N THR A 92 -14.19 1.00 -13.19
CA THR A 92 -13.82 -0.39 -12.98
C THR A 92 -14.92 -1.26 -13.57
N TYR A 93 -14.53 -2.22 -14.41
CA TYR A 93 -15.51 -2.92 -15.23
C TYR A 93 -15.04 -4.32 -15.57
N LEU A 94 -15.98 -5.12 -16.08
CA LEU A 94 -15.71 -6.48 -16.53
C LEU A 94 -16.43 -6.69 -17.86
N GLY A 95 -15.68 -6.87 -18.93
CA GLY A 95 -16.23 -7.24 -20.22
C GLY A 95 -16.06 -8.72 -20.44
N GLN A 96 -17.17 -9.41 -20.69
CA GLN A 96 -17.17 -10.87 -20.75
C GLN A 96 -17.02 -11.36 -22.19
N THR A 97 -16.83 -12.68 -22.31
CA THR A 97 -16.59 -13.27 -23.63
C THR A 97 -17.83 -13.26 -24.50
N ASP A 98 -19.01 -13.21 -23.90
CA ASP A 98 -20.24 -13.17 -24.67
C ASP A 98 -20.73 -11.74 -24.95
N GLY A 99 -19.96 -10.73 -24.55
CA GLY A 99 -20.33 -9.35 -24.76
C GLY A 99 -20.93 -8.64 -23.56
N THR A 100 -21.21 -9.37 -22.48
CA THR A 100 -21.78 -8.75 -21.30
C THR A 100 -20.83 -7.72 -20.72
N TYR A 101 -21.39 -6.56 -20.35
CA TYR A 101 -20.58 -5.47 -19.82
C TYR A 101 -21.20 -4.95 -18.53
N THR A 102 -20.39 -4.85 -17.49
CA THR A 102 -20.80 -4.29 -16.22
C THR A 102 -19.72 -3.35 -15.73
N ALA A 103 -20.10 -2.11 -15.41
CA ALA A 103 -19.12 -1.07 -15.05
C ALA A 103 -19.68 -0.20 -13.94
N ARG A 104 -18.79 0.18 -13.03
CA ARG A 104 -19.13 1.14 -11.98
C ARG A 104 -18.08 2.26 -11.95
N PRO A 105 -18.53 3.52 -11.99
CA PRO A 105 -19.94 3.93 -12.00
C PRO A 105 -20.59 3.77 -13.38
N THR A 106 -21.92 3.72 -13.39
CA THR A 106 -22.65 3.62 -14.65
C THR A 106 -22.51 4.91 -15.45
N SER A 107 -22.33 4.76 -16.77
CA SER A 107 -22.12 5.89 -17.64
C SER A 107 -22.82 5.64 -18.97
N ASP A 108 -23.12 6.74 -19.67
CA ASP A 108 -23.75 6.67 -20.98
C ASP A 108 -22.70 6.36 -22.02
N LEU A 109 -22.72 5.15 -22.55
CA LEU A 109 -21.78 4.73 -23.57
C LEU A 109 -22.47 4.63 -24.93
N PRO A 110 -21.70 4.70 -26.02
CA PRO A 110 -22.30 4.55 -27.35
C PRO A 110 -23.17 3.30 -27.46
N ALA A 111 -24.15 3.36 -28.34
CA ALA A 111 -25.09 2.25 -28.50
C ALA A 111 -24.40 1.00 -29.04
N ASP A 112 -23.39 1.17 -29.90
CA ASP A 112 -22.66 0.04 -30.46
C ASP A 112 -21.49 -0.40 -29.60
N TYR A 113 -21.53 -0.11 -28.30
CA TYR A 113 -20.41 -0.43 -27.42
C TYR A 113 -20.30 -1.94 -27.24
N ASP A 114 -19.16 -2.50 -27.68
CA ASP A 114 -18.86 -3.92 -27.50
C ASP A 114 -17.53 -4.02 -26.78
N PRO A 115 -17.49 -4.55 -25.56
CA PRO A 115 -16.21 -4.60 -24.82
C PRO A 115 -15.13 -5.39 -25.53
N ARG A 116 -15.52 -6.48 -26.21
CA ARG A 116 -14.53 -7.35 -26.86
C ARG A 116 -13.84 -6.67 -28.03
N ARG A 117 -14.39 -5.56 -28.53
CA ARG A 117 -13.77 -4.79 -29.60
C ARG A 117 -13.04 -3.55 -29.08
N ARG A 118 -12.79 -3.47 -27.77
CA ARG A 118 -12.13 -2.35 -27.11
C ARG A 118 -10.65 -2.64 -26.90
N PRO A 119 -9.81 -1.60 -26.83
CA PRO A 119 -8.36 -1.85 -26.73
C PRO A 119 -7.95 -2.56 -25.44
N TRP A 120 -8.61 -2.27 -24.32
CA TRP A 120 -8.27 -2.95 -23.08
C TRP A 120 -8.64 -4.43 -23.10
N TYR A 121 -9.62 -4.81 -23.93
CA TYR A 121 -9.92 -6.23 -24.09
C TYR A 121 -8.85 -6.93 -24.92
N ASN A 122 -8.41 -6.29 -26.02
CA ASN A 122 -7.38 -6.89 -26.86
C ASN A 122 -6.03 -6.89 -26.15
N ALA A 123 -5.73 -5.84 -25.39
CA ALA A 123 -4.44 -5.75 -24.73
C ALA A 123 -4.28 -6.86 -23.69
N ALA A 124 -5.29 -7.05 -22.86
CA ALA A 124 -5.21 -8.12 -21.86
C ALA A 124 -5.27 -9.49 -22.51
N THR A 125 -5.99 -9.62 -23.63
CA THR A 125 -6.04 -10.91 -24.32
C THR A 125 -4.72 -11.22 -25.00
N SER A 126 -4.22 -10.29 -25.82
CA SER A 126 -3.00 -10.55 -26.57
C SER A 126 -1.81 -10.73 -25.64
N ALA A 127 -1.79 -10.01 -24.52
CA ALA A 127 -0.70 -10.16 -23.57
C ALA A 127 -0.86 -11.42 -22.73
N GLY A 128 -2.08 -11.91 -22.57
CA GLY A 128 -2.34 -13.09 -21.77
C GLY A 128 -2.12 -12.91 -20.28
N GLN A 129 -1.93 -11.68 -19.82
CA GLN A 129 -1.66 -11.42 -18.41
C GLN A 129 -2.00 -9.97 -18.12
N THR A 130 -1.73 -9.55 -16.89
CA THR A 130 -1.97 -8.17 -16.48
C THR A 130 -1.08 -7.23 -17.28
N THR A 131 -1.70 -6.31 -18.02
CA THR A 131 -0.96 -5.38 -18.86
C THR A 131 -1.63 -4.02 -18.80
N LEU A 132 -0.93 -3.02 -19.32
CA LEU A 132 -1.43 -1.66 -19.42
C LEU A 132 -1.60 -1.28 -20.89
N THR A 133 -2.65 -0.52 -21.17
CA THR A 133 -2.90 -0.06 -22.53
C THR A 133 -2.19 1.25 -22.78
N GLU A 134 -1.91 1.51 -24.06
CA GLU A 134 -1.47 2.83 -24.45
C GLU A 134 -2.60 3.83 -24.21
N PRO A 135 -2.29 5.09 -23.96
CA PRO A 135 -3.35 6.08 -23.68
C PRO A 135 -4.31 6.18 -24.85
N TYR A 136 -5.60 6.32 -24.51
CA TYR A 136 -6.65 6.44 -25.50
C TYR A 136 -7.71 7.42 -24.98
N MET A 137 -8.71 7.69 -25.81
CA MET A 137 -9.78 8.62 -25.47
C MET A 137 -10.90 7.87 -24.77
N GLU A 138 -11.22 8.29 -23.55
CA GLU A 138 -12.37 7.73 -22.85
C GLU A 138 -13.64 8.05 -23.61
N PRO A 139 -14.46 7.05 -23.94
CA PRO A 139 -15.70 7.35 -24.69
C PRO A 139 -16.75 8.09 -23.88
N ALA A 140 -16.75 7.93 -22.56
CA ALA A 140 -17.80 8.53 -21.74
C ALA A 140 -17.48 9.97 -21.38
N ILE A 141 -16.35 10.20 -20.71
CA ILE A 141 -16.02 11.54 -20.21
C ILE A 141 -15.11 12.31 -21.16
N HIS A 142 -14.60 11.68 -22.22
CA HIS A 142 -13.75 12.33 -23.21
C HIS A 142 -12.51 12.95 -22.57
N GLU A 143 -11.73 12.09 -21.90
CA GLU A 143 -10.45 12.45 -21.32
C GLU A 143 -9.47 11.31 -21.55
N LEU A 144 -8.21 11.65 -21.71
CA LEU A 144 -7.18 10.63 -21.94
C LEU A 144 -7.01 9.76 -20.71
N VAL A 145 -7.09 8.44 -20.91
CA VAL A 145 -7.01 7.48 -19.81
C VAL A 145 -6.09 6.33 -20.19
N LEU A 146 -5.62 5.63 -19.17
CA LEU A 146 -4.89 4.38 -19.32
C LEU A 146 -5.60 3.30 -18.52
N THR A 147 -5.59 2.08 -19.02
CA THR A 147 -6.34 0.98 -18.43
C THR A 147 -5.40 -0.11 -17.95
N ILE A 148 -5.61 -0.57 -16.72
CA ILE A 148 -4.94 -1.75 -16.19
C ILE A 148 -5.90 -2.92 -16.42
N ALA A 149 -5.70 -3.64 -17.52
CA ALA A 149 -6.60 -4.71 -17.93
C ALA A 149 -5.94 -6.07 -17.68
N SER A 150 -6.67 -6.95 -16.99
CA SER A 150 -6.20 -8.29 -16.70
C SER A 150 -7.21 -9.32 -17.19
N PRO A 151 -6.74 -10.40 -17.82
CA PRO A 151 -7.67 -11.45 -18.24
C PRO A 151 -8.24 -12.20 -17.04
N ALA A 152 -9.53 -12.51 -17.14
CA ALA A 152 -10.23 -13.23 -16.08
C ALA A 152 -10.45 -14.68 -16.54
N ARG A 153 -9.86 -15.62 -15.80
CA ARG A 153 -9.90 -17.03 -16.17
C ARG A 153 -10.37 -17.84 -14.97
N GLN A 154 -11.29 -18.78 -15.22
CA GLN A 154 -11.66 -19.79 -14.24
C GLN A 154 -10.69 -20.96 -14.23
N GLY A 155 -9.49 -20.77 -14.75
CA GLY A 155 -8.57 -21.87 -14.99
C GLY A 155 -8.77 -22.43 -16.39
N GLY A 156 -7.79 -22.21 -17.25
CA GLY A 156 -7.90 -22.65 -18.63
C GLY A 156 -8.55 -21.62 -19.54
N GLN A 157 -9.82 -21.82 -19.87
CA GLN A 157 -10.50 -20.90 -20.77
C GLN A 157 -10.91 -19.63 -20.03
N PRO A 158 -10.65 -18.45 -20.60
CA PRO A 158 -11.09 -17.21 -19.96
C PRO A 158 -12.54 -16.89 -20.28
N PHE A 159 -13.14 -16.09 -19.40
CA PHE A 159 -14.53 -15.69 -19.58
C PHE A 159 -14.68 -14.17 -19.75
N GLY A 160 -13.61 -13.41 -19.68
CA GLY A 160 -13.70 -11.98 -19.86
C GLY A 160 -12.41 -11.29 -19.45
N VAL A 161 -12.48 -9.96 -19.43
CA VAL A 161 -11.35 -9.10 -19.10
C VAL A 161 -11.79 -8.06 -18.08
N VAL A 162 -11.06 -7.97 -16.98
CA VAL A 162 -11.28 -6.94 -15.96
C VAL A 162 -10.36 -5.76 -16.26
N GLY A 163 -10.88 -4.55 -16.12
CA GLY A 163 -10.12 -3.36 -16.42
C GLY A 163 -10.37 -2.26 -15.41
N GLY A 164 -9.45 -1.30 -15.42
CA GLY A 164 -9.55 -0.14 -14.55
C GLY A 164 -8.86 1.08 -15.14
N ASP A 165 -9.60 2.18 -15.27
CA ASP A 165 -9.12 3.36 -15.99
C ASP A 165 -8.40 4.32 -15.04
N LEU A 166 -7.29 4.87 -15.51
CA LEU A 166 -6.51 5.85 -14.76
C LEU A 166 -6.42 7.14 -15.56
N SER A 167 -6.79 8.25 -14.94
CA SER A 167 -6.72 9.54 -15.61
C SER A 167 -5.28 9.88 -15.96
N LEU A 168 -5.07 10.35 -17.20
CA LEU A 168 -3.71 10.63 -17.65
C LEU A 168 -3.08 11.78 -16.88
N GLN A 169 -3.87 12.77 -16.47
CA GLN A 169 -3.32 13.85 -15.66
C GLN A 169 -2.80 13.34 -14.32
N THR A 170 -3.44 12.29 -13.78
CA THR A 170 -2.92 11.66 -12.57
C THR A 170 -1.60 10.97 -12.84
N VAL A 171 -1.47 10.32 -14.00
CA VAL A 171 -0.25 9.59 -14.32
C VAL A 171 0.93 10.54 -14.48
N VAL A 172 0.72 11.63 -15.22
CA VAL A 172 1.82 12.56 -15.49
C VAL A 172 2.37 13.14 -14.19
N LYS A 173 1.50 13.36 -13.20
CA LYS A 173 1.95 13.88 -11.92
C LYS A 173 2.90 12.90 -11.22
N ILE A 174 2.62 11.60 -11.36
CA ILE A 174 3.53 10.60 -10.81
C ILE A 174 4.85 10.61 -11.57
N ILE A 175 4.80 10.77 -12.89
CA ILE A 175 6.02 10.85 -13.69
C ILE A 175 6.89 12.01 -13.22
N ASN A 176 6.26 13.12 -12.83
CA ASN A 176 6.97 14.32 -12.41
C ASN A 176 6.83 14.56 -10.91
N SER A 177 6.77 13.48 -10.12
CA SER A 177 6.75 13.62 -8.67
C SER A 177 8.05 14.23 -8.17
N LEU A 178 9.18 13.75 -8.68
CA LEU A 178 10.46 14.35 -8.33
C LEU A 178 10.53 15.78 -8.86
N ASP A 179 11.16 16.65 -8.07
CA ASP A 179 11.27 18.05 -8.44
C ASP A 179 12.56 18.30 -9.22
N PHE A 180 12.46 19.14 -10.24
CA PHE A 180 13.60 19.65 -10.97
C PHE A 180 13.69 21.16 -10.75
N GLY A 181 14.72 21.78 -11.28
CA GLY A 181 14.86 23.22 -11.13
C GLY A 181 14.13 23.98 -12.21
N GLY A 182 12.94 23.51 -12.58
CA GLY A 182 12.27 23.99 -13.77
C GLY A 182 13.02 23.74 -15.07
N MET A 183 14.20 23.13 -15.01
CA MET A 183 15.01 22.84 -16.19
C MET A 183 14.51 21.64 -16.99
N GLY A 184 13.89 20.67 -16.31
CA GLY A 184 13.58 19.41 -16.95
C GLY A 184 12.21 18.92 -16.53
N TYR A 185 11.67 18.04 -17.38
CA TYR A 185 10.41 17.35 -17.14
C TYR A 185 10.59 15.90 -17.53
N ALA A 186 9.72 15.05 -17.00
CA ALA A 186 9.76 13.62 -17.27
C ALA A 186 8.51 13.20 -18.02
N PHE A 187 8.66 12.21 -18.90
CA PHE A 187 7.55 11.70 -19.68
C PHE A 187 7.73 10.20 -19.88
N LEU A 188 6.65 9.54 -20.29
CA LEU A 188 6.63 8.11 -20.51
C LEU A 188 6.53 7.82 -22.01
N VAL A 189 7.55 7.16 -22.54
CA VAL A 189 7.59 6.80 -23.95
C VAL A 189 7.75 5.28 -24.05
N SER A 190 7.17 4.71 -25.10
CA SER A 190 7.23 3.27 -25.30
C SER A 190 8.54 2.88 -25.97
N GLY A 191 8.68 1.58 -26.26
CA GLY A 191 9.92 1.09 -26.83
C GLY A 191 10.14 1.55 -28.26
N ASP A 192 9.09 1.48 -29.09
CA ASP A 192 9.19 1.88 -30.49
C ASP A 192 9.23 3.39 -30.69
N GLY A 193 9.11 4.17 -29.61
CA GLY A 193 9.21 5.61 -29.69
C GLY A 193 7.92 6.37 -29.55
N LYS A 194 6.81 5.68 -29.29
CA LYS A 194 5.51 6.35 -29.15
C LYS A 194 5.42 6.97 -27.76
N ILE A 195 5.28 8.30 -27.71
CA ILE A 195 5.12 8.99 -26.44
C ILE A 195 3.77 8.63 -25.86
N LEU A 196 3.75 8.23 -24.59
CA LEU A 196 2.53 7.80 -23.93
C LEU A 196 1.92 8.91 -23.08
N VAL A 197 2.61 9.34 -22.03
CA VAL A 197 2.22 10.52 -21.27
C VAL A 197 3.34 11.54 -21.36
N HIS A 198 2.98 12.80 -21.52
CA HIS A 198 3.90 13.90 -21.68
C HIS A 198 3.18 15.10 -21.08
N PRO A 199 3.89 15.94 -20.31
CA PRO A 199 3.22 17.11 -19.72
C PRO A 199 2.56 18.00 -20.76
N ASP A 200 3.00 17.94 -22.01
CA ASP A 200 2.36 18.68 -23.10
C ASP A 200 1.23 17.80 -23.63
N LYS A 201 -0.01 18.22 -23.39
CA LYS A 201 -1.17 17.38 -23.71
C LYS A 201 -1.27 17.07 -25.20
N ASP A 202 -0.82 17.98 -26.07
CA ASP A 202 -0.95 17.74 -27.50
C ASP A 202 0.07 16.71 -28.02
N GLN A 203 1.18 16.52 -27.30
CA GLN A 203 2.23 15.62 -27.75
C GLN A 203 2.05 14.19 -27.23
N VAL A 204 0.87 13.86 -26.71
CA VAL A 204 0.58 12.49 -26.31
C VAL A 204 0.27 11.67 -27.56
N MET A 205 0.84 10.45 -27.62
CA MET A 205 0.75 9.49 -28.72
C MET A 205 1.53 9.94 -29.95
N LYS A 206 2.19 11.09 -29.91
CA LYS A 206 3.14 11.43 -30.96
C LYS A 206 4.37 10.53 -30.86
N SER A 207 5.02 10.32 -32.00
CA SER A 207 6.27 9.57 -32.00
C SER A 207 7.43 10.50 -31.67
N LEU A 208 8.48 9.92 -31.09
CA LEU A 208 9.68 10.70 -30.79
C LEU A 208 10.28 11.28 -32.06
N SER A 209 10.07 10.63 -33.20
CA SER A 209 10.48 11.21 -34.48
C SER A 209 9.57 12.36 -34.87
N ASP A 210 8.29 12.30 -34.49
CA ASP A 210 7.36 13.35 -34.85
C ASP A 210 7.58 14.63 -34.06
N VAL A 211 8.29 14.55 -32.94
CA VAL A 211 8.51 15.72 -32.09
C VAL A 211 9.73 16.49 -32.60
N TYR A 212 10.88 15.83 -32.62
CA TYR A 212 12.11 16.45 -33.09
C TYR A 212 12.33 16.08 -34.55
N PRO A 213 12.02 16.97 -35.51
CA PRO A 213 12.15 16.60 -36.92
C PRO A 213 13.59 16.39 -37.34
N ARG A 214 14.46 17.36 -37.02
CA ARG A 214 15.89 17.16 -37.17
C ARG A 214 16.30 15.90 -36.42
N ASN A 215 17.24 15.14 -37.00
CA ASN A 215 17.34 13.71 -36.72
C ASN A 215 17.38 13.44 -35.22
N THR A 216 16.73 12.35 -34.83
CA THR A 216 16.07 12.20 -33.54
C THR A 216 16.96 11.53 -32.51
N PRO A 217 16.60 11.64 -31.23
CA PRO A 217 17.17 10.74 -30.22
C PRO A 217 16.51 9.37 -30.26
N LYS A 218 17.25 8.37 -29.79
CA LYS A 218 16.71 7.02 -29.73
C LYS A 218 16.84 6.46 -28.33
N ILE A 219 15.87 5.63 -27.96
CA ILE A 219 15.87 5.05 -26.64
C ILE A 219 17.11 4.23 -26.54
N GLY A 220 17.76 4.31 -25.40
CA GLY A 220 18.96 3.55 -25.18
C GLY A 220 19.70 4.03 -23.97
N SER A 221 20.89 3.51 -23.76
CA SER A 221 21.68 3.93 -22.64
C SER A 221 22.12 5.36 -22.77
N GLY A 222 22.56 5.70 -23.95
CA GLY A 222 23.10 7.02 -24.18
C GLY A 222 22.21 8.23 -24.07
N PHE A 223 22.83 9.35 -23.75
CA PHE A 223 22.17 10.64 -23.67
C PHE A 223 22.08 11.20 -25.08
N SER A 224 21.04 11.98 -25.37
CA SER A 224 20.88 12.55 -26.70
C SER A 224 20.68 14.02 -26.67
N GLU A 225 21.00 14.70 -27.75
CA GLU A 225 20.89 16.16 -27.79
C GLU A 225 20.04 16.55 -28.97
N ALA A 226 18.93 17.24 -28.70
CA ALA A 226 18.01 17.69 -29.75
C ALA A 226 17.46 19.05 -29.35
N GLU A 227 16.63 19.62 -30.22
CA GLU A 227 16.14 20.98 -30.06
C GLU A 227 14.63 20.99 -29.93
N LEU A 228 14.12 21.75 -28.97
CA LEU A 228 12.70 21.98 -28.77
C LEU A 228 12.32 23.32 -29.40
N HIS A 229 11.12 23.80 -29.08
CA HIS A 229 10.64 25.08 -29.60
C HIS A 229 11.48 26.20 -29.03
N GLY A 230 12.46 26.68 -29.80
CA GLY A 230 13.36 27.71 -29.31
C GLY A 230 14.14 27.30 -28.09
N ASN A 231 14.43 25.99 -27.95
CA ASN A 231 15.09 25.48 -26.76
C ASN A 231 15.92 24.27 -27.16
N THR A 232 17.06 24.11 -26.48
CA THR A 232 17.95 22.98 -26.69
C THR A 232 17.83 22.04 -25.50
N ARG A 233 17.50 20.78 -25.79
CA ARG A 233 17.18 19.81 -24.76
C ARG A 233 18.15 18.62 -24.81
N ILE A 234 18.40 18.04 -23.63
CA ILE A 234 19.17 16.81 -23.49
C ILE A 234 18.25 15.75 -22.91
N LEU A 235 18.23 14.58 -23.53
CA LEU A 235 17.27 13.53 -23.21
C LEU A 235 17.98 12.27 -22.75
N SER A 236 17.49 11.68 -21.66
CA SER A 236 17.93 10.39 -21.16
C SER A 236 16.75 9.43 -21.15
N PHE A 237 17.05 8.14 -21.00
CA PHE A 237 16.02 7.11 -21.02
C PHE A 237 16.38 6.01 -20.03
N SER A 238 15.50 5.79 -19.05
CA SER A 238 15.65 4.70 -18.09
C SER A 238 14.42 3.81 -18.18
N PRO A 239 14.59 2.50 -18.40
CA PRO A 239 13.41 1.64 -18.60
C PRO A 239 12.65 1.39 -17.31
N VAL A 240 11.35 1.19 -17.45
CA VAL A 240 10.48 0.87 -16.32
C VAL A 240 10.45 -0.65 -16.19
N LYS A 241 11.25 -1.17 -15.25
CA LYS A 241 11.30 -2.61 -15.03
C LYS A 241 10.02 -3.06 -14.31
N GLY A 242 9.89 -4.36 -14.11
CA GLY A 242 8.77 -4.88 -13.35
C GLY A 242 7.55 -5.13 -14.20
N LEU A 243 7.36 -4.33 -15.24
CA LEU A 243 6.22 -4.48 -16.15
C LEU A 243 6.57 -5.54 -17.17
N SER A 244 6.23 -6.79 -16.87
CA SER A 244 6.53 -7.91 -17.74
C SER A 244 5.79 -7.78 -19.06
N GLY A 245 6.55 -7.77 -20.16
CA GLY A 245 6.00 -7.64 -21.49
C GLY A 245 5.98 -6.21 -22.01
N LEU A 246 5.91 -5.23 -21.12
CA LEU A 246 5.89 -3.83 -21.52
C LEU A 246 7.30 -3.25 -21.43
N ASP A 247 7.82 -2.78 -22.56
CA ASP A 247 9.11 -2.10 -22.58
C ASP A 247 8.84 -0.59 -22.64
N TRP A 248 8.51 -0.05 -21.47
CA TRP A 248 8.24 1.37 -21.33
C TRP A 248 9.44 2.06 -20.69
N TYR A 249 9.77 3.25 -21.19
CA TYR A 249 10.93 4.00 -20.73
C TYR A 249 10.50 5.37 -20.25
N ILE A 250 11.10 5.83 -19.16
CA ILE A 250 10.88 7.17 -18.65
C ILE A 250 11.90 8.09 -19.33
N GLY A 251 11.40 9.00 -20.17
CA GLY A 251 12.25 9.98 -20.80
C GLY A 251 12.36 11.25 -19.97
N ILE A 252 13.52 11.91 -20.09
CA ILE A 252 13.75 13.13 -19.34
C ILE A 252 14.35 14.20 -20.25
N SER A 253 13.55 15.18 -20.64
CA SER A 253 14.07 16.32 -21.40
C SER A 253 14.46 17.42 -20.41
N VAL A 254 15.69 17.91 -20.52
CA VAL A 254 16.18 18.99 -19.67
C VAL A 254 16.74 20.09 -20.55
N ASP A 255 16.45 21.34 -20.18
CA ASP A 255 17.01 22.48 -20.89
C ASP A 255 18.52 22.46 -20.75
N LYS A 256 19.21 22.29 -21.87
CA LYS A 256 20.67 22.12 -21.84
C LYS A 256 21.36 23.27 -21.13
N ASP A 257 21.14 24.50 -21.60
CA ASP A 257 21.81 25.65 -21.01
C ASP A 257 21.40 25.83 -19.55
N LYS A 258 20.09 25.79 -19.28
CA LYS A 258 19.60 25.87 -17.92
C LYS A 258 20.15 24.75 -17.04
N ALA A 259 20.47 23.61 -17.64
CA ALA A 259 20.90 22.45 -16.84
C ALA A 259 22.22 22.72 -16.13
N TYR A 260 23.09 23.54 -16.72
CA TYR A 260 24.39 23.82 -16.11
C TYR A 260 24.25 24.92 -15.06
N ALA A 261 23.64 24.54 -13.95
CA ALA A 261 23.63 25.34 -12.72
C ALA A 261 24.81 24.86 -11.88
N MET A 262 25.88 25.65 -11.88
CA MET A 262 27.12 25.24 -11.24
C MET A 262 27.07 25.45 -9.74
N LEU A 263 27.78 24.59 -9.01
CA LEU A 263 27.92 24.67 -7.58
C LEU A 263 29.40 24.78 -7.22
N THR A 264 29.70 25.64 -6.24
CA THR A 264 31.05 25.89 -5.75
C THR A 264 32.10 26.00 -6.86
N LEU B 34 19.75 12.26 28.81
CA LEU B 34 20.43 10.99 28.65
C LEU B 34 20.38 10.51 27.21
N GLU B 35 19.63 9.43 26.97
CA GLU B 35 19.47 8.85 25.64
C GLU B 35 18.04 9.03 25.17
N ASP B 36 17.84 9.81 24.13
CA ASP B 36 16.57 9.84 23.42
C ASP B 36 16.52 8.83 22.29
N TYR B 37 17.64 8.13 22.05
CA TYR B 37 17.65 7.01 21.12
C TYR B 37 16.60 5.98 21.48
N LEU B 38 16.30 5.81 22.76
CA LEU B 38 15.30 4.85 23.18
C LEU B 38 13.90 5.29 22.74
N HIS B 39 13.58 6.57 22.94
CA HIS B 39 12.34 7.12 22.40
C HIS B 39 12.33 7.03 20.87
N GLU B 40 13.42 7.43 20.23
CA GLU B 40 13.44 7.48 18.77
C GLU B 40 13.55 6.10 18.14
N MET B 41 14.05 5.10 18.87
CA MET B 41 13.98 3.74 18.35
C MET B 41 12.55 3.19 18.44
N GLY B 42 11.77 3.67 19.41
CA GLY B 42 10.37 3.29 19.47
C GLY B 42 9.50 4.02 18.47
N GLU B 43 9.87 5.25 18.11
CA GLU B 43 9.10 6.00 17.12
C GLU B 43 9.29 5.42 15.72
N ILE B 44 10.46 4.84 15.44
CA ILE B 44 10.66 4.18 14.15
C ILE B 44 9.74 2.98 14.02
N THR B 45 9.68 2.14 15.07
CA THR B 45 8.79 0.99 15.07
C THR B 45 7.33 1.42 14.91
N ALA B 46 6.97 2.60 15.44
CA ALA B 46 5.60 3.07 15.33
C ALA B 46 5.19 3.23 13.88
N SER B 47 6.09 3.74 13.03
CA SER B 47 5.76 3.93 11.63
C SER B 47 5.54 2.61 10.92
N ASN B 48 6.43 1.64 11.14
CA ASN B 48 6.28 0.33 10.49
C ASN B 48 4.99 -0.34 10.93
N VAL B 49 4.68 -0.30 12.23
CA VAL B 49 3.44 -0.90 12.72
C VAL B 49 2.24 -0.16 12.15
N GLN B 50 2.31 1.17 12.14
CA GLN B 50 1.21 1.96 11.59
C GLN B 50 1.02 1.70 10.10
N ASN B 51 2.13 1.66 9.34
CA ASN B 51 2.02 1.38 7.92
C ASN B 51 1.57 -0.05 7.67
N TRP B 52 1.93 -0.99 8.54
CA TRP B 52 1.54 -2.38 8.35
C TRP B 52 0.06 -2.61 8.67
N LEU B 53 -0.48 -1.83 9.60
CA LEU B 53 -1.88 -1.99 9.99
C LEU B 53 -2.83 -1.17 9.15
N SER B 54 -2.38 -0.03 8.61
CA SER B 54 -3.27 0.87 7.89
C SER B 54 -3.92 0.18 6.70
N GLY B 55 -3.11 -0.47 5.86
CA GLY B 55 -3.66 -1.17 4.71
C GLY B 55 -4.57 -2.31 5.10
N ARG B 56 -4.32 -2.92 6.26
CA ARG B 56 -5.17 -4.01 6.73
C ARG B 56 -6.49 -3.50 7.31
N ILE B 57 -6.47 -2.31 7.92
CA ILE B 57 -7.73 -1.71 8.34
C ILE B 57 -8.55 -1.29 7.14
N LEU B 58 -7.89 -0.85 6.06
CA LEU B 58 -8.62 -0.47 4.85
C LEU B 58 -9.33 -1.66 4.23
N LEU B 59 -8.64 -2.80 4.13
CA LEU B 59 -9.25 -3.99 3.56
C LEU B 59 -10.49 -4.40 4.35
N ILE B 60 -10.40 -4.36 5.68
CA ILE B 60 -11.56 -4.68 6.51
C ILE B 60 -12.63 -3.61 6.35
N GLU B 61 -12.24 -2.35 6.27
CA GLU B 61 -13.21 -1.27 6.07
C GLU B 61 -13.82 -1.35 4.68
N ASN B 62 -12.98 -1.52 3.66
CA ASN B 62 -13.50 -1.66 2.30
C ASN B 62 -14.43 -2.87 2.18
N LEU B 63 -14.18 -3.92 2.96
CA LEU B 63 -15.10 -5.04 2.99
C LEU B 63 -16.40 -4.68 3.69
N ALA B 64 -16.34 -3.78 4.68
CA ALA B 64 -17.53 -3.43 5.44
C ALA B 64 -18.55 -2.69 4.56
N GLN B 65 -18.13 -1.60 3.92
CA GLN B 65 -19.04 -0.84 3.09
C GLN B 65 -19.39 -1.57 1.79
N THR B 66 -18.58 -2.56 1.39
CA THR B 66 -18.94 -3.37 0.24
C THR B 66 -20.12 -4.30 0.58
N LEU B 67 -20.13 -4.83 1.79
CA LEU B 67 -21.23 -5.69 2.24
C LEU B 67 -22.50 -4.90 2.51
N ALA B 68 -22.43 -3.57 2.59
CA ALA B 68 -23.63 -2.76 2.81
C ALA B 68 -24.68 -3.06 1.75
N ARG B 69 -24.32 -2.90 0.48
CA ARG B 69 -25.20 -3.26 -0.62
C ARG B 69 -24.39 -4.00 -1.68
N ASP B 70 -24.56 -5.32 -1.79
CA ASP B 70 -25.52 -6.08 -1.00
C ASP B 70 -24.84 -7.21 -0.22
N HIS B 71 -25.48 -7.67 0.86
CA HIS B 71 -24.95 -8.76 1.67
C HIS B 71 -25.71 -10.07 1.42
N SER B 72 -26.16 -10.29 0.19
CA SER B 72 -26.82 -11.54 -0.13
C SER B 72 -25.83 -12.70 0.00
N PRO B 73 -26.32 -13.91 0.34
CA PRO B 73 -25.38 -15.03 0.58
C PRO B 73 -24.56 -15.40 -0.64
N GLU B 74 -25.09 -15.16 -1.85
CA GLU B 74 -24.31 -15.44 -3.05
C GLU B 74 -23.12 -14.51 -3.17
N THR B 75 -23.31 -13.22 -2.90
CA THR B 75 -22.23 -12.25 -3.03
C THR B 75 -21.35 -12.22 -1.78
N THR B 76 -21.94 -12.43 -0.60
CA THR B 76 -21.15 -12.42 0.63
C THR B 76 -20.10 -13.51 0.63
N GLN B 77 -20.45 -14.71 0.15
N GLN B 77 -20.46 -14.70 0.16
CA GLN B 77 -19.48 -15.80 0.11
CA GLN B 77 -19.49 -15.80 0.10
C GLN B 77 -18.35 -15.50 -0.86
C GLN B 77 -18.35 -15.49 -0.86
N ALA B 78 -18.66 -14.88 -2.00
CA ALA B 78 -17.62 -14.54 -2.97
C ALA B 78 -16.76 -13.38 -2.49
N LEU B 79 -17.34 -12.45 -1.73
CA LEU B 79 -16.58 -11.30 -1.26
C LEU B 79 -15.58 -11.70 -0.18
N LEU B 80 -15.94 -12.64 0.68
CA LEU B 80 -15.03 -13.11 1.72
C LEU B 80 -13.95 -14.02 1.18
N GLU B 81 -14.08 -14.50 -0.06
CA GLU B 81 -13.15 -15.46 -0.64
C GLU B 81 -12.15 -14.82 -1.58
N GLN B 82 -12.10 -13.49 -1.66
CA GLN B 82 -11.15 -12.85 -2.54
C GLN B 82 -9.73 -13.04 -2.00
N PRO B 83 -8.76 -13.29 -2.89
CA PRO B 83 -7.43 -13.71 -2.40
C PRO B 83 -6.71 -12.65 -1.58
N LEU B 84 -6.99 -11.37 -1.81
CA LEU B 84 -6.32 -10.33 -1.04
C LEU B 84 -6.72 -10.37 0.43
N LEU B 85 -7.93 -10.87 0.72
CA LEU B 85 -8.37 -10.98 2.11
C LEU B 85 -7.86 -12.27 2.74
N GLY B 86 -7.88 -13.38 2.00
CA GLY B 86 -7.41 -14.63 2.55
C GLY B 86 -5.91 -14.68 2.74
N SER B 87 -5.16 -13.99 1.88
CA SER B 87 -3.71 -13.96 2.01
C SER B 87 -3.28 -13.13 3.21
N THR B 88 -4.03 -12.08 3.54
CA THR B 88 -3.64 -11.15 4.58
C THR B 88 -4.11 -11.57 5.97
N PHE B 89 -5.31 -12.14 6.07
CA PHE B 89 -5.91 -12.47 7.35
C PHE B 89 -6.04 -13.98 7.51
N LEU B 90 -5.95 -14.44 8.77
CA LEU B 90 -6.25 -15.84 9.07
C LEU B 90 -7.69 -16.17 8.71
N PHE B 91 -8.63 -15.42 9.28
CA PHE B 91 -10.04 -15.57 8.97
C PHE B 91 -10.64 -14.20 8.67
N THR B 92 -11.53 -14.15 7.68
CA THR B 92 -12.28 -12.95 7.35
C THR B 92 -13.75 -13.33 7.34
N TYR B 93 -14.55 -12.62 8.12
CA TYR B 93 -15.90 -13.09 8.42
C TYR B 93 -16.87 -11.93 8.51
N LEU B 94 -18.16 -12.28 8.54
CA LEU B 94 -19.26 -11.33 8.68
C LEU B 94 -20.21 -11.87 9.75
N GLY B 95 -20.25 -11.20 10.90
CA GLY B 95 -21.24 -11.49 11.93
C GLY B 95 -22.34 -10.45 11.88
N GLN B 96 -23.58 -10.93 11.86
CA GLN B 96 -24.74 -10.07 11.66
C GLN B 96 -25.58 -10.00 12.94
N THR B 97 -26.46 -9.01 12.97
CA THR B 97 -27.28 -8.77 14.16
C THR B 97 -28.22 -9.93 14.43
N ASP B 98 -28.73 -10.59 13.39
CA ASP B 98 -29.61 -11.73 13.58
C ASP B 98 -28.86 -12.99 14.01
N GLY B 99 -27.53 -12.96 14.04
CA GLY B 99 -26.74 -14.08 14.50
C GLY B 99 -26.05 -14.87 13.40
N THR B 100 -26.44 -14.67 12.14
CA THR B 100 -25.80 -15.41 11.05
C THR B 100 -24.33 -15.04 10.95
N TYR B 101 -23.49 -16.05 10.70
CA TYR B 101 -22.05 -15.88 10.69
C TYR B 101 -21.49 -16.60 9.48
N THR B 102 -20.67 -15.89 8.69
CA THR B 102 -20.06 -16.44 7.49
C THR B 102 -18.59 -16.08 7.49
N ALA B 103 -17.73 -17.09 7.57
CA ALA B 103 -16.29 -16.88 7.66
C ALA B 103 -15.57 -17.58 6.52
N ARG B 104 -14.32 -17.16 6.30
CA ARG B 104 -13.44 -17.78 5.32
C ARG B 104 -11.99 -17.78 5.80
N PRO B 105 -11.37 -18.95 5.84
CA PRO B 105 -11.98 -20.24 5.48
C PRO B 105 -12.77 -20.87 6.61
N THR B 106 -13.40 -22.01 6.33
CA THR B 106 -14.22 -22.68 7.32
C THR B 106 -13.36 -23.25 8.45
N SER B 107 -14.01 -23.47 9.60
CA SER B 107 -13.32 -23.99 10.78
C SER B 107 -14.38 -24.55 11.72
N ASP B 108 -13.90 -25.30 12.72
CA ASP B 108 -14.79 -25.91 13.71
C ASP B 108 -14.89 -24.97 14.92
N LEU B 109 -15.97 -24.21 14.97
CA LEU B 109 -16.23 -23.38 16.13
C LEU B 109 -17.12 -24.12 17.11
N PRO B 110 -17.05 -23.78 18.41
CA PRO B 110 -17.93 -24.43 19.38
C PRO B 110 -19.40 -24.25 19.00
N ALA B 111 -20.21 -25.25 19.35
CA ALA B 111 -21.60 -25.28 18.93
C ALA B 111 -22.40 -24.08 19.44
N ASP B 112 -21.95 -23.45 20.53
CA ASP B 112 -22.62 -22.28 21.08
C ASP B 112 -22.14 -20.98 20.47
N TYR B 113 -21.44 -21.03 19.34
CA TYR B 113 -20.82 -19.83 18.79
C TYR B 113 -21.87 -18.79 18.39
N ASP B 114 -21.88 -17.67 19.11
CA ASP B 114 -22.73 -16.53 18.77
C ASP B 114 -21.82 -15.35 18.45
N PRO B 115 -21.81 -14.86 17.21
CA PRO B 115 -20.88 -13.77 16.88
C PRO B 115 -21.14 -12.51 17.69
N ARG B 116 -22.38 -12.27 18.12
CA ARG B 116 -22.70 -11.08 18.89
C ARG B 116 -22.05 -11.08 20.27
N ARG B 117 -21.60 -12.23 20.75
CA ARG B 117 -20.91 -12.31 22.04
C ARG B 117 -19.40 -12.22 21.91
N ARG B 118 -18.86 -12.30 20.70
CA ARG B 118 -17.41 -12.30 20.56
C ARG B 118 -16.85 -10.89 20.73
N PRO B 119 -15.59 -10.76 21.16
CA PRO B 119 -15.07 -9.42 21.48
C PRO B 119 -15.04 -8.47 20.31
N TRP B 120 -14.73 -8.96 19.11
CA TRP B 120 -14.68 -8.08 17.95
C TRP B 120 -16.04 -7.47 17.63
N TYR B 121 -17.12 -8.18 17.96
CA TYR B 121 -18.46 -7.63 17.73
C TYR B 121 -18.76 -6.52 18.71
N ASN B 122 -18.53 -6.76 20.01
CA ASN B 122 -18.79 -5.75 21.02
C ASN B 122 -17.81 -4.59 20.93
N ALA B 123 -16.62 -4.80 20.37
CA ALA B 123 -15.66 -3.71 20.24
C ALA B 123 -16.11 -2.70 19.19
N ALA B 124 -16.58 -3.20 18.03
CA ALA B 124 -17.01 -2.31 16.96
C ALA B 124 -18.29 -1.58 17.33
N THR B 125 -19.18 -2.23 18.08
CA THR B 125 -20.45 -1.60 18.45
C THR B 125 -20.25 -0.52 19.51
N SER B 126 -19.46 -0.81 20.54
CA SER B 126 -19.23 0.17 21.60
C SER B 126 -18.44 1.36 21.08
N ALA B 127 -17.38 1.11 20.31
CA ALA B 127 -16.59 2.19 19.76
C ALA B 127 -17.29 2.89 18.61
N GLY B 128 -18.29 2.25 18.00
CA GLY B 128 -19.03 2.83 16.89
C GLY B 128 -18.26 2.97 15.59
N GLN B 129 -16.94 2.77 15.61
CA GLN B 129 -16.12 2.89 14.41
C GLN B 129 -15.27 1.63 14.23
N THR B 130 -14.36 1.66 13.26
CA THR B 130 -13.45 0.54 13.08
C THR B 130 -12.39 0.56 14.16
N THR B 131 -12.19 -0.58 14.83
CA THR B 131 -11.30 -0.65 15.98
C THR B 131 -10.57 -1.99 15.94
N LEU B 132 -9.41 -2.02 16.59
CA LEU B 132 -8.65 -3.25 16.80
C LEU B 132 -8.91 -3.75 18.21
N THR B 133 -9.19 -5.04 18.34
CA THR B 133 -9.50 -5.61 19.64
C THR B 133 -8.23 -5.93 20.41
N GLU B 134 -8.38 -6.04 21.73
CA GLU B 134 -7.30 -6.55 22.56
C GLU B 134 -7.04 -8.01 22.22
N PRO B 135 -5.83 -8.50 22.49
CA PRO B 135 -5.53 -9.90 22.17
C PRO B 135 -6.45 -10.87 22.89
N TYR B 136 -6.92 -11.87 22.14
CA TYR B 136 -7.77 -12.91 22.68
C TYR B 136 -7.43 -14.23 22.00
N MET B 137 -7.78 -15.32 22.68
CA MET B 137 -7.53 -16.65 22.13
C MET B 137 -8.52 -16.95 21.02
N GLU B 138 -8.03 -17.57 19.95
CA GLU B 138 -8.90 -17.90 18.83
C GLU B 138 -9.50 -19.29 19.04
N PRO B 139 -10.82 -19.43 19.06
CA PRO B 139 -11.42 -20.76 19.27
C PRO B 139 -11.03 -21.77 18.20
N ALA B 140 -10.89 -21.33 16.95
CA ALA B 140 -10.73 -22.28 15.86
C ALA B 140 -9.33 -22.90 15.85
N ILE B 141 -8.30 -22.06 15.96
CA ILE B 141 -6.91 -22.50 15.84
C ILE B 141 -6.15 -22.44 17.15
N HIS B 142 -6.81 -22.05 18.25
CA HIS B 142 -6.24 -22.13 19.60
C HIS B 142 -4.89 -21.41 19.71
N GLU B 143 -4.83 -20.21 19.16
CA GLU B 143 -3.64 -19.36 19.31
C GLU B 143 -4.06 -17.91 19.39
N LEU B 144 -3.21 -17.11 20.04
CA LEU B 144 -3.53 -15.71 20.30
C LEU B 144 -3.59 -14.92 19.00
N VAL B 145 -4.65 -14.13 18.84
CA VAL B 145 -4.88 -13.30 17.68
C VAL B 145 -5.44 -11.95 18.16
N LEU B 146 -5.68 -11.06 17.20
CA LEU B 146 -6.41 -9.82 17.45
C LEU B 146 -7.06 -9.38 16.16
N THR B 147 -8.22 -8.74 16.28
CA THR B 147 -9.13 -8.53 15.16
C THR B 147 -9.23 -7.05 14.81
N ILE B 148 -9.24 -6.77 13.50
CA ILE B 148 -9.67 -5.47 12.99
C ILE B 148 -11.17 -5.57 12.73
N ALA B 149 -11.97 -4.95 13.60
CA ALA B 149 -13.42 -5.01 13.53
C ALA B 149 -13.97 -3.70 13.01
N SER B 150 -14.85 -3.78 12.02
CA SER B 150 -15.47 -2.60 11.43
C SER B 150 -16.98 -2.80 11.39
N PRO B 151 -17.77 -1.87 11.94
CA PRO B 151 -19.22 -2.03 11.87
C PRO B 151 -19.73 -1.83 10.46
N ALA B 152 -20.69 -2.67 10.07
CA ALA B 152 -21.29 -2.65 8.74
C ALA B 152 -22.71 -2.11 8.85
N ARG B 153 -23.00 -1.04 8.11
CA ARG B 153 -24.30 -0.37 8.15
C ARG B 153 -24.66 0.04 6.74
N GLN B 154 -25.71 -0.58 6.18
CA GLN B 154 -26.15 -0.22 4.83
C GLN B 154 -27.04 1.01 4.85
N GLY B 155 -27.87 1.16 5.87
CA GLY B 155 -28.71 2.33 6.02
C GLY B 155 -28.40 3.08 7.31
N GLY B 156 -29.45 3.53 8.00
CA GLY B 156 -29.23 4.22 9.26
C GLY B 156 -28.72 3.30 10.34
N GLN B 157 -29.29 2.08 10.43
CA GLN B 157 -28.92 1.12 11.47
C GLN B 157 -27.97 0.06 10.91
N PRO B 158 -26.95 -0.31 11.68
CA PRO B 158 -26.01 -1.34 11.21
C PRO B 158 -26.68 -2.71 11.17
N PHE B 159 -26.23 -3.53 10.22
CA PHE B 159 -26.74 -4.88 10.04
C PHE B 159 -25.77 -5.96 10.48
N GLY B 160 -24.59 -5.57 10.96
CA GLY B 160 -23.61 -6.56 11.40
C GLY B 160 -22.25 -5.93 11.59
N VAL B 161 -21.27 -6.78 11.86
CA VAL B 161 -19.89 -6.37 12.10
C VAL B 161 -18.98 -7.26 11.26
N VAL B 162 -18.04 -6.63 10.55
CA VAL B 162 -17.05 -7.33 9.74
C VAL B 162 -15.73 -7.35 10.50
N GLY B 163 -15.03 -8.48 10.45
CA GLY B 163 -13.79 -8.62 11.16
C GLY B 163 -12.76 -9.41 10.36
N GLY B 164 -11.51 -9.26 10.76
CA GLY B 164 -10.41 -9.97 10.15
C GLY B 164 -9.30 -10.22 11.17
N ASP B 165 -8.85 -11.46 11.28
CA ASP B 165 -7.94 -11.87 12.33
C ASP B 165 -6.49 -11.81 11.87
N LEU B 166 -5.59 -11.56 12.82
CA LEU B 166 -4.15 -11.49 12.57
C LEU B 166 -3.43 -12.28 13.65
N SER B 167 -2.50 -13.13 13.24
CA SER B 167 -1.71 -13.90 14.19
C SER B 167 -0.84 -12.96 15.02
N LEU B 168 -0.92 -13.11 16.35
CA LEU B 168 -0.19 -12.20 17.22
C LEU B 168 1.32 -12.40 17.10
N GLN B 169 1.77 -13.63 16.81
CA GLN B 169 3.20 -13.85 16.64
C GLN B 169 3.73 -13.16 15.39
N THR B 170 2.90 -13.05 14.35
CA THR B 170 3.27 -12.27 13.17
C THR B 170 3.11 -10.77 13.40
N VAL B 171 2.68 -10.36 14.58
CA VAL B 171 2.63 -8.95 14.94
C VAL B 171 3.84 -8.55 15.78
N VAL B 172 4.25 -9.41 16.71
CA VAL B 172 5.46 -9.12 17.49
C VAL B 172 6.70 -9.18 16.62
N LYS B 173 6.64 -9.95 15.53
CA LYS B 173 7.76 -9.95 14.58
C LYS B 173 7.92 -8.59 13.91
N ILE B 174 6.80 -7.92 13.62
CA ILE B 174 6.87 -6.59 13.01
C ILE B 174 7.41 -5.57 14.00
N ILE B 175 6.99 -5.67 15.26
CA ILE B 175 7.47 -4.73 16.28
C ILE B 175 8.96 -4.90 16.51
N ASN B 176 9.43 -6.15 16.55
CA ASN B 176 10.85 -6.45 16.71
C ASN B 176 11.48 -6.82 15.37
N SER B 177 11.32 -5.94 14.38
CA SER B 177 11.89 -6.15 13.06
C SER B 177 13.28 -5.57 12.91
N LEU B 178 13.62 -4.54 13.69
CA LEU B 178 14.97 -4.02 13.72
C LEU B 178 15.83 -4.88 14.64
N ASP B 179 17.08 -4.47 14.82
CA ASP B 179 18.01 -5.17 15.70
C ASP B 179 18.42 -4.23 16.82
N PHE B 180 18.31 -4.71 18.06
CA PHE B 180 18.75 -3.98 19.23
C PHE B 180 20.11 -4.46 19.73
N GLY B 181 20.78 -5.32 18.97
CA GLY B 181 22.02 -5.91 19.43
C GLY B 181 21.85 -6.83 20.62
N GLY B 182 20.67 -7.41 20.80
CA GLY B 182 20.40 -8.21 21.96
C GLY B 182 20.18 -7.42 23.23
N MET B 183 20.18 -6.09 23.15
CA MET B 183 20.01 -5.28 24.34
C MET B 183 18.61 -5.45 24.92
N GLY B 184 17.59 -5.42 24.08
CA GLY B 184 16.23 -5.55 24.56
C GLY B 184 15.26 -5.84 23.46
N TYR B 185 13.99 -5.57 23.74
CA TYR B 185 12.88 -5.86 22.85
C TYR B 185 11.97 -4.64 22.74
N ALA B 186 10.93 -4.77 21.91
CA ALA B 186 9.91 -3.75 21.75
C ALA B 186 8.54 -4.40 21.85
N PHE B 187 7.70 -3.89 22.74
CA PHE B 187 6.37 -4.43 22.97
C PHE B 187 5.33 -3.35 22.75
N LEU B 188 4.07 -3.78 22.71
CA LEU B 188 2.94 -2.88 22.45
C LEU B 188 2.04 -2.86 23.68
N VAL B 189 1.77 -1.65 24.18
CA VAL B 189 0.96 -1.46 25.37
C VAL B 189 -0.07 -0.38 25.09
N SER B 190 -1.22 -0.48 25.75
CA SER B 190 -2.28 0.50 25.59
C SER B 190 -2.03 1.71 26.49
N GLY B 191 -2.84 2.76 26.28
CA GLY B 191 -2.73 3.93 27.12
C GLY B 191 -3.06 3.66 28.57
N ASP B 192 -3.91 2.66 28.83
CA ASP B 192 -4.19 2.25 30.19
C ASP B 192 -2.94 1.73 30.89
N GLY B 193 -2.06 1.08 30.15
CA GLY B 193 -0.93 0.38 30.72
C GLY B 193 -1.04 -1.12 30.66
N LYS B 194 -1.95 -1.67 29.85
CA LYS B 194 -2.16 -3.11 29.74
C LYS B 194 -1.40 -3.62 28.53
N ILE B 195 -0.47 -4.54 28.76
CA ILE B 195 0.39 -5.05 27.69
C ILE B 195 -0.45 -5.87 26.73
N LEU B 196 -0.41 -5.50 25.44
CA LEU B 196 -1.20 -6.18 24.41
C LEU B 196 -0.37 -7.20 23.64
N VAL B 197 0.71 -6.75 22.99
CA VAL B 197 1.60 -7.62 22.24
C VAL B 197 2.98 -7.55 22.90
N HIS B 198 3.54 -8.72 23.23
CA HIS B 198 4.80 -8.81 23.95
C HIS B 198 5.53 -10.04 23.46
N PRO B 199 6.86 -9.99 23.36
CA PRO B 199 7.61 -11.22 23.01
C PRO B 199 7.36 -12.37 23.97
N ASP B 200 7.34 -12.09 25.27
CA ASP B 200 6.99 -13.07 26.28
C ASP B 200 5.47 -13.22 26.27
N LYS B 201 5.00 -14.32 25.68
CA LYS B 201 3.56 -14.54 25.56
C LYS B 201 2.88 -14.70 26.91
N ASP B 202 3.64 -15.01 27.97
CA ASP B 202 3.08 -15.03 29.31
C ASP B 202 2.78 -13.62 29.81
N GLN B 203 3.44 -12.61 29.26
CA GLN B 203 3.23 -11.22 29.65
C GLN B 203 2.09 -10.56 28.90
N VAL B 204 1.48 -11.24 27.93
CA VAL B 204 0.34 -10.69 27.21
C VAL B 204 -0.84 -10.54 28.15
N MET B 205 -1.55 -9.42 28.02
CA MET B 205 -2.70 -9.02 28.83
C MET B 205 -2.33 -8.74 30.28
N LYS B 206 -1.06 -8.85 30.65
CA LYS B 206 -0.62 -8.40 31.96
C LYS B 206 -0.63 -6.87 32.02
N SER B 207 -0.57 -6.34 33.23
CA SER B 207 -0.55 -4.91 33.43
C SER B 207 0.88 -4.41 33.59
N LEU B 208 1.10 -3.14 33.22
CA LEU B 208 2.37 -2.51 33.51
C LEU B 208 2.64 -2.45 35.00
N SER B 209 1.60 -2.57 35.82
CA SER B 209 1.73 -2.66 37.28
C SER B 209 1.94 -4.09 37.76
N ASP B 210 1.35 -5.06 37.07
CA ASP B 210 1.51 -6.46 37.49
C ASP B 210 2.95 -6.92 37.35
N VAL B 211 3.63 -6.50 36.28
CA VAL B 211 5.00 -6.91 36.05
C VAL B 211 6.01 -6.00 36.75
N TYR B 212 5.64 -4.75 37.02
CA TYR B 212 6.47 -3.84 37.81
C TYR B 212 5.68 -3.40 39.03
N PRO B 213 5.74 -4.16 40.13
CA PRO B 213 4.84 -3.88 41.25
C PRO B 213 5.20 -2.63 42.03
N ARG B 214 6.49 -2.30 42.16
CA ARG B 214 6.85 -1.18 43.02
C ARG B 214 7.02 0.13 42.27
N ASN B 215 8.03 0.24 41.41
CA ASN B 215 8.22 1.49 40.68
C ASN B 215 7.03 1.76 39.77
N THR B 216 6.56 0.73 39.06
CA THR B 216 5.33 0.80 38.26
C THR B 216 5.38 1.96 37.29
N PRO B 217 6.14 1.87 36.20
CA PRO B 217 6.28 3.00 35.30
C PRO B 217 5.01 3.26 34.50
N LYS B 218 4.76 4.53 34.22
CA LYS B 218 3.66 4.94 33.36
C LYS B 218 4.21 5.63 32.13
N ILE B 219 3.35 5.82 31.14
CA ILE B 219 3.76 6.42 29.88
C ILE B 219 4.05 7.89 30.05
N GLY B 222 9.73 10.92 28.39
CA GLY B 222 8.88 9.83 28.81
C GLY B 222 9.66 8.61 29.28
N PHE B 223 10.96 8.80 29.47
CA PHE B 223 11.80 7.72 29.97
C PHE B 223 11.44 7.38 31.41
N SER B 224 11.15 6.12 31.67
CA SER B 224 10.88 5.65 33.02
C SER B 224 11.77 4.46 33.32
N GLU B 225 12.20 4.36 34.58
CA GLU B 225 13.14 3.34 35.01
C GLU B 225 12.45 2.44 36.02
N ALA B 226 12.38 1.15 35.71
CA ALA B 226 11.70 0.18 36.56
C ALA B 226 12.69 -0.90 36.98
N GLU B 227 12.56 -1.35 38.22
CA GLU B 227 13.52 -2.28 38.82
C GLU B 227 12.93 -3.68 38.81
N LEU B 228 13.43 -4.53 37.92
CA LEU B 228 13.14 -5.95 37.99
C LEU B 228 14.00 -6.60 39.07
N HIS B 229 13.66 -7.85 39.41
CA HIS B 229 14.44 -8.58 40.41
C HIS B 229 15.91 -8.66 40.01
N GLY B 230 16.18 -8.94 38.75
CA GLY B 230 17.55 -8.97 38.27
C GLY B 230 18.10 -7.59 37.96
N ASN B 231 18.71 -7.44 36.78
CA ASN B 231 19.25 -6.15 36.39
C ASN B 231 18.12 -5.16 36.13
N THR B 232 18.33 -3.91 36.54
CA THR B 232 17.33 -2.86 36.31
C THR B 232 17.13 -2.64 34.82
N ARG B 233 15.88 -2.69 34.38
CA ARG B 233 15.54 -2.54 32.97
C ARG B 233 14.77 -1.23 32.77
N ILE B 234 15.24 -0.42 31.84
CA ILE B 234 14.66 0.90 31.57
C ILE B 234 13.68 0.78 30.40
N LEU B 235 12.65 1.63 30.42
CA LEU B 235 11.60 1.59 29.41
C LEU B 235 11.16 2.99 29.05
N SER B 236 10.56 3.10 27.86
CA SER B 236 9.84 4.29 27.45
C SER B 236 8.79 3.87 26.43
N PHE B 237 7.97 4.82 26.01
CA PHE B 237 6.84 4.52 25.13
C PHE B 237 6.67 5.63 24.12
N SER B 238 6.62 5.25 22.83
CA SER B 238 6.35 6.20 21.76
C SER B 238 4.90 6.09 21.33
N PRO B 239 4.17 7.20 21.22
CA PRO B 239 2.73 7.12 20.95
C PRO B 239 2.44 6.71 19.51
N VAL B 240 1.30 6.04 19.34
CA VAL B 240 0.79 5.65 18.02
C VAL B 240 -0.68 6.04 18.01
N LYS B 241 -0.98 7.28 17.61
CA LYS B 241 -2.34 7.76 17.46
C LYS B 241 -2.84 7.65 16.03
N GLY B 242 -2.01 7.13 15.13
CA GLY B 242 -2.36 7.04 13.72
C GLY B 242 -3.67 6.36 13.41
N LEU B 243 -4.20 5.60 14.36
CA LEU B 243 -5.52 5.00 14.25
C LEU B 243 -6.52 5.87 14.99
N SER B 244 -7.73 5.99 14.43
CA SER B 244 -8.76 6.82 15.02
C SER B 244 -9.05 6.39 16.46
N GLY B 245 -8.71 7.25 17.42
CA GLY B 245 -8.75 6.85 18.81
C GLY B 245 -7.55 5.97 19.13
N LEU B 246 -7.82 4.85 19.82
CA LEU B 246 -6.83 3.82 20.09
C LEU B 246 -5.50 4.40 20.57
N ASP B 247 -5.47 4.86 21.81
CA ASP B 247 -4.22 5.37 22.38
C ASP B 247 -3.27 4.22 22.70
N TRP B 248 -2.48 3.81 21.72
CA TRP B 248 -1.54 2.70 21.89
C TRP B 248 -0.12 3.21 21.76
N TYR B 249 0.77 2.70 22.61
CA TYR B 249 2.15 3.15 22.70
C TYR B 249 3.08 1.97 22.50
N ILE B 250 4.10 2.14 21.66
CA ILE B 250 5.12 1.12 21.45
C ILE B 250 6.17 1.28 22.54
N GLY B 251 6.29 0.27 23.40
CA GLY B 251 7.22 0.31 24.51
C GLY B 251 8.52 -0.40 24.18
N ILE B 252 9.63 0.23 24.55
CA ILE B 252 10.96 -0.35 24.41
C ILE B 252 11.43 -0.74 25.80
N SER B 253 12.16 -1.85 25.88
CA SER B 253 12.65 -2.37 27.16
C SER B 253 14.04 -2.93 26.96
N VAL B 254 15.04 -2.29 27.55
CA VAL B 254 16.43 -2.71 27.43
C VAL B 254 17.08 -2.74 28.82
N ASP B 255 17.89 -3.77 29.07
CA ASP B 255 18.58 -3.90 30.34
C ASP B 255 19.63 -2.80 30.46
N LYS B 256 19.51 -1.99 31.53
CA LYS B 256 20.37 -0.82 31.72
C LYS B 256 21.84 -1.14 31.50
N ASP B 257 22.37 -2.11 32.25
CA ASP B 257 23.78 -2.45 32.13
C ASP B 257 24.12 -2.97 30.73
N LYS B 258 23.33 -3.92 30.24
CA LYS B 258 23.52 -4.39 28.87
C LYS B 258 23.28 -3.27 27.87
N ALA B 259 22.40 -2.32 28.19
CA ALA B 259 22.19 -1.17 27.31
C ALA B 259 23.34 -0.18 27.35
N TYR B 260 24.25 -0.30 28.31
CA TYR B 260 25.35 0.66 28.42
C TYR B 260 26.46 0.31 27.42
N ALA B 261 26.09 0.44 26.16
CA ALA B 261 27.05 0.72 25.08
C ALA B 261 27.07 2.23 24.83
N MET B 262 27.38 2.97 25.89
CA MET B 262 27.33 4.42 25.93
C MET B 262 28.52 5.09 25.25
N LEU B 263 29.33 4.34 24.52
CA LEU B 263 30.56 4.87 23.95
C LEU B 263 30.26 5.87 22.84
N THR B 264 30.79 7.08 22.99
CA THR B 264 31.58 7.44 24.15
C THR B 264 31.07 8.75 24.77
N SER B 273 35.23 13.16 22.98
CA SER B 273 35.85 11.84 23.06
C SER B 273 37.35 11.95 23.34
N SER B 274 38.05 12.63 22.43
CA SER B 274 39.46 12.91 22.57
C SER B 274 39.71 14.27 23.22
N SER B 275 38.73 14.79 23.97
CA SER B 275 38.86 16.14 24.53
C SER B 275 39.96 16.23 25.57
N VAL B 276 40.28 15.11 26.23
CA VAL B 276 41.32 15.13 27.26
C VAL B 276 42.67 15.45 26.64
N ASP B 277 43.01 14.77 25.54
CA ASP B 277 44.28 15.04 24.86
C ASP B 277 44.36 16.49 24.40
N LYS B 278 43.22 17.10 24.08
CA LYS B 278 43.21 18.54 23.80
C LYS B 278 43.52 19.35 25.04
N LEU B 279 43.22 18.81 26.23
CA LEU B 279 43.49 19.52 27.48
C LEU B 279 44.94 19.34 27.92
N ALA B 280 45.45 18.11 27.84
CA ALA B 280 46.83 17.86 28.27
C ALA B 280 47.83 18.62 27.42
N ALA B 281 47.53 18.86 26.15
CA ALA B 281 48.43 19.64 25.32
C ALA B 281 48.45 21.11 25.73
N ALA B 282 47.29 21.65 26.11
CA ALA B 282 47.22 23.03 26.57
C ALA B 282 47.96 23.24 27.88
N LEU B 283 48.19 22.18 28.64
CA LEU B 283 48.82 22.28 29.95
C LEU B 283 50.29 21.87 29.92
N GLU B 284 50.87 21.71 28.73
CA GLU B 284 52.29 21.42 28.62
C GLU B 284 53.08 22.73 28.67
N HIS B 285 54.03 22.80 29.60
CA HIS B 285 54.80 24.03 29.81
C HIS B 285 55.97 24.12 28.84
N GLN C . -13.51 3.79 -20.49
CA GLN C . -13.69 2.35 -20.65
C GLN C . -13.72 1.96 -22.12
O GLN C . -12.95 2.50 -22.92
CB GLN C . -14.98 1.91 -19.96
CG GLN C . -16.12 2.91 -20.01
CD GLN C . -17.09 2.75 -18.87
OE1 GLN C . -16.84 1.98 -17.93
NE2 GLN C . -18.21 3.46 -18.92
OXT GLN C . -14.49 1.12 -22.54
S SO4 D . -23.54 4.55 -9.92
O1 SO4 D . -23.13 4.14 -11.25
O2 SO4 D . -22.38 4.62 -9.04
O3 SO4 D . -24.49 3.57 -9.38
O4 SO4 D . -24.17 5.86 -9.97
S SO4 E . 2.70 23.58 -22.36
O1 SO4 E . 3.49 24.68 -22.89
O2 SO4 E . 2.81 22.46 -23.28
O3 SO4 E . 1.29 23.97 -22.25
O4 SO4 E . 3.20 23.16 -21.06
N GLN F . -11.59 -15.39 15.50
CA GLN F . -13.02 -15.28 15.26
C GLN F . -13.77 -15.04 16.56
O GLN F . -13.21 -15.15 17.64
CB GLN F . -13.56 -16.55 14.59
CG GLN F . -12.75 -17.01 13.39
CD GLN F . -13.40 -18.15 12.64
OE1 GLN F . -14.63 -18.17 12.48
NE2 GLN F . -12.61 -19.11 12.19
OXT GLN F . -14.96 -14.70 16.55
S SO4 G . -20.76 -20.89 5.30
O1 SO4 G . -19.79 -21.15 4.25
O2 SO4 G . -20.14 -20.09 6.36
O3 SO4 G . -21.22 -22.15 5.87
O4 SO4 G . -21.90 -20.17 4.73
C1 GOL H . -1.99 -14.52 7.91
O1 GOL H . -1.60 -15.53 7.00
C2 GOL H . -0.78 -13.66 8.28
O2 GOL H . -1.16 -12.30 8.31
C3 GOL H . -0.27 -14.05 9.65
O3 GOL H . -1.06 -13.43 10.64
#